data_7AMZ
#
_entry.id   7AMZ
#
_cell.length_a   154.350
_cell.length_b   154.350
_cell.length_c   128.060
_cell.angle_alpha   90.000
_cell.angle_beta   90.000
_cell.angle_gamma   90.000
#
_symmetry.space_group_name_H-M   'I 4 2 2'
#
loop_
_entity.id
_entity.type
_entity.pdbx_description
1 polymer Cholinesterase
2 branched alpha-L-fucopyranose-(1-6)-2-acetamido-2-deoxy-beta-D-glucopyranose
3 branched 2-acetamido-2-deoxy-beta-D-glucopyranose-(1-4)-[alpha-L-fucopyranose-(1-6)]2-acetamido-2-deoxy-beta-D-glucopyranose
4 non-polymer 2-acetamido-2-deoxy-beta-D-glucopyranose
5 non-polymer GLYCEROL
6 non-polymer 'N-acetyl-alpha-neuraminic acid'
7 non-polymer 2,2-dimethylpropyl-[(2~{R},3~{S})-3-(2,2-diphenylethanoylamino)-2-oxidanyl-4-phenyl-butyl]azanium
8 non-polymer '2-(N-MORPHOLINO)-ETHANESULFONIC ACID'
9 non-polymer 'SULFATE ION'
10 water water
#
_entity_poly.entity_id   1
_entity_poly.type   'polypeptide(L)'
_entity_poly.pdbx_seq_one_letter_code
;EDDIIIATKNGKVRGMQLTVFGGTVTAFLGIPYAQPPLGRLRFKKPQSLTKWSDIWNATKYANSCCQNIDQSFPGFHGSE
MWNPNTDLSEDCLYLNVWIPAPKPKNATVLIWIYGGGFQTGTSSLHVYDGKFLARVERVIVVSMNYRVGALGFLALPGNP
EAPGNMGLFDQQLALQWVQKNIAAFGGNPKSVTLFGESAGAASVSLHLLSPGSHSLFTRAILQSGSFNAPWAVTSLYEAR
NRTLNLAKLTGCSRENETEIIKCLRNKDPQEILLNEAFVVPYGTPLSVNFGPTVDGDFLTDMPDILLELGQFKKTQILVG
VNKDEGTAFLVYGAPGFSKDNNSIITRKEFQEGLKIFFPGVSEFGKESILFHYTDWVDDQRPENYREALGDVVGDYNFIC
PALEFTKKFSEWGNNAFFYYFEHRSSKLPWPEWMGVMHGYEIEFVFGLPLERRDQYTKAEEILSRSIVKRWANFAKYGNP
QETQNQSTSWPVFKSTEQKYLTLNTESTRIMTKLRAQQCRFWTSFFPKV
;
_entity_poly.pdbx_strand_id   A
#
loop_
_chem_comp.id
_chem_comp.type
_chem_comp.name
_chem_comp.formula
FUC L-saccharide, alpha linking alpha-L-fucopyranose 'C6 H12 O5'
GOL non-polymer GLYCEROL 'C3 H8 O3'
MES non-polymer '2-(N-MORPHOLINO)-ETHANESULFONIC ACID' 'C6 H13 N O4 S'
NAG D-saccharide, beta linking 2-acetamido-2-deoxy-beta-D-glucopyranose 'C8 H15 N O6'
RNZ non-polymer 2,2-dimethylpropyl-[(2~{R},3~{S})-3-(2,2-diphenylethanoylamino)-2-oxidanyl-4-phenyl-butyl]azanium 'C29 H37 N2 O2 1'
SIA D-saccharide, alpha linking 'N-acetyl-alpha-neuraminic acid' 'C11 H19 N O9'
SO4 non-polymer 'SULFATE ION' 'O4 S -2'
#
# COMPACT_ATOMS: atom_id res chain seq x y z
N ASP A 3 -17.27 9.11 -28.73
CA ASP A 3 -16.77 7.74 -28.66
C ASP A 3 -15.27 7.68 -29.00
N ILE A 4 -14.43 7.28 -28.05
CA ILE A 4 -12.99 7.25 -28.27
C ILE A 4 -12.50 5.80 -28.17
N ILE A 5 -11.85 5.33 -29.24
CA ILE A 5 -11.25 4.01 -29.28
C ILE A 5 -9.74 4.18 -29.40
N ILE A 6 -8.99 3.38 -28.65
CA ILE A 6 -7.55 3.43 -28.67
C ILE A 6 -7.03 2.09 -29.15
N ALA A 7 -6.05 2.11 -30.03
CA ALA A 7 -5.38 0.89 -30.48
C ALA A 7 -4.22 0.62 -29.55
N THR A 8 -4.31 -0.48 -28.81
CA THR A 8 -3.22 -0.96 -27.97
C THR A 8 -2.47 -2.05 -28.72
N LYS A 9 -1.39 -2.54 -28.11
CA LYS A 9 -0.58 -3.57 -28.76
C LYS A 9 -1.37 -4.85 -29.00
N ASN A 10 -2.29 -5.21 -28.09
CA ASN A 10 -3.06 -6.45 -28.20
C ASN A 10 -4.47 -6.25 -28.74
N GLY A 11 -4.89 -5.02 -29.01
CA GLY A 11 -6.18 -4.82 -29.63
C GLY A 11 -6.71 -3.44 -29.33
N LYS A 12 -7.91 -3.18 -29.84
CA LYS A 12 -8.60 -1.92 -29.62
C LYS A 12 -9.38 -1.97 -28.32
N VAL A 13 -9.43 -0.83 -27.62
CA VAL A 13 -10.24 -0.72 -26.41
C VAL A 13 -11.11 0.52 -26.52
N ARG A 14 -12.36 0.41 -26.08
CA ARG A 14 -13.27 1.54 -26.01
C ARG A 14 -13.38 2.03 -24.57
N GLY A 15 -13.30 3.34 -24.39
CA GLY A 15 -13.46 3.97 -23.10
C GLY A 15 -14.82 4.65 -22.98
N MET A 16 -14.88 5.63 -22.08
CA MET A 16 -16.12 6.33 -21.77
C MET A 16 -15.76 7.72 -21.26
N GLN A 17 -16.70 8.66 -21.40
CA GLN A 17 -16.44 10.04 -21.05
C GLN A 17 -17.02 10.36 -19.68
N LEU A 18 -16.34 11.24 -18.94
CA LEU A 18 -16.75 11.61 -17.59
C LEU A 18 -16.71 13.12 -17.45
N THR A 19 -17.71 13.66 -16.77
CA THR A 19 -17.80 15.08 -16.49
C THR A 19 -17.20 15.32 -15.11
N VAL A 20 -16.11 16.09 -15.06
CA VAL A 20 -15.45 16.43 -13.80
C VAL A 20 -15.15 17.92 -13.82
N PHE A 21 -15.75 18.66 -12.89
CA PHE A 21 -15.42 20.06 -12.69
C PHE A 21 -15.53 20.86 -13.98
N GLY A 22 -16.68 20.77 -14.63
CA GLY A 22 -16.88 21.49 -15.88
C GLY A 22 -15.93 21.07 -16.98
N GLY A 23 -15.29 19.91 -16.83
CA GLY A 23 -14.33 19.43 -17.81
C GLY A 23 -14.62 17.99 -18.18
N THR A 24 -13.67 17.31 -18.82
CA THR A 24 -13.91 15.96 -19.29
C THR A 24 -12.66 15.11 -19.05
N VAL A 25 -12.88 13.92 -18.50
CA VAL A 25 -11.82 12.93 -18.34
C VAL A 25 -12.26 11.69 -19.10
N THR A 26 -11.32 11.04 -19.78
CA THR A 26 -11.60 9.80 -20.48
C THR A 26 -11.07 8.64 -19.63
N ALA A 27 -11.98 7.72 -19.30
CA ALA A 27 -11.66 6.58 -18.44
C ALA A 27 -11.70 5.30 -19.26
N PHE A 28 -10.73 4.45 -19.02
CA PHE A 28 -10.71 3.09 -19.54
C PHE A 28 -10.66 2.20 -18.32
N LEU A 29 -11.79 1.65 -17.94
CA LEU A 29 -11.89 0.82 -16.75
C LEU A 29 -11.97 -0.64 -17.18
N GLY A 30 -11.02 -1.45 -16.71
CA GLY A 30 -11.06 -2.87 -16.95
C GLY A 30 -10.38 -3.38 -18.20
N ILE A 31 -9.21 -2.84 -18.54
CA ILE A 31 -8.39 -3.41 -19.61
C ILE A 31 -7.66 -4.64 -19.08
N PRO A 32 -7.74 -5.78 -19.74
CA PRO A 32 -6.96 -6.94 -19.29
C PRO A 32 -5.50 -6.76 -19.66
N TYR A 33 -4.63 -7.26 -18.79
CA TYR A 33 -3.20 -7.09 -19.03
C TYR A 33 -2.44 -8.39 -18.92
N ALA A 34 -3.14 -9.51 -18.77
CA ALA A 34 -2.58 -10.86 -18.62
C ALA A 34 -3.70 -11.86 -18.83
N GLN A 35 -3.37 -13.04 -19.30
CA GLN A 35 -4.45 -14.01 -19.45
C GLN A 35 -4.86 -14.48 -18.06
N PRO A 36 -6.16 -14.67 -17.84
CA PRO A 36 -6.67 -14.94 -16.49
C PRO A 36 -5.96 -16.12 -15.87
N PRO A 37 -5.51 -15.98 -14.63
CA PRO A 37 -4.70 -17.05 -14.04
C PRO A 37 -5.55 -18.18 -13.48
N LEU A 38 -6.31 -18.83 -14.36
CA LEU A 38 -7.24 -19.90 -14.00
C LEU A 38 -6.69 -21.26 -14.35
N GLY A 39 -7.11 -22.27 -13.58
CA GLY A 39 -6.84 -23.65 -13.90
C GLY A 39 -5.40 -24.06 -13.64
N ARG A 40 -4.71 -24.54 -14.68
CA ARG A 40 -3.29 -24.84 -14.52
C ARG A 40 -2.47 -23.57 -14.29
N LEU A 41 -3.03 -22.38 -14.58
CA LEU A 41 -2.34 -21.12 -14.35
C LEU A 41 -2.45 -20.60 -12.92
N ARG A 42 -3.33 -21.14 -12.09
CA ARG A 42 -3.40 -20.68 -10.71
C ARG A 42 -2.09 -20.96 -9.98
N PHE A 43 -1.63 -19.96 -9.21
CA PHE A 43 -0.40 -19.94 -8.41
C PHE A 43 0.84 -19.66 -9.25
N LYS A 44 0.72 -19.53 -10.56
CA LYS A 44 1.86 -19.33 -11.45
C LYS A 44 2.02 -17.85 -11.75
N LYS A 45 3.20 -17.53 -12.26
CA LYS A 45 3.47 -16.17 -12.72
C LYS A 45 2.47 -15.83 -13.83
N PRO A 46 2.13 -14.55 -13.97
CA PRO A 46 1.13 -14.16 -14.98
C PRO A 46 1.70 -14.32 -16.39
N GLN A 47 0.83 -14.68 -17.32
CA GLN A 47 1.22 -15.03 -18.67
C GLN A 47 0.67 -14.00 -19.64
N SER A 48 1.38 -13.80 -20.75
CA SER A 48 1.05 -12.72 -21.68
C SER A 48 -0.26 -13.00 -22.39
N LEU A 49 -0.87 -11.93 -22.87
CA LEU A 49 -2.19 -11.97 -23.49
C LEU A 49 -2.09 -12.25 -24.98
N THR A 50 -3.21 -12.71 -25.54
CA THR A 50 -3.33 -12.95 -26.97
C THR A 50 -4.15 -11.83 -27.57
N LYS A 51 -3.74 -11.36 -28.75
CA LYS A 51 -4.42 -10.25 -29.41
C LYS A 51 -5.90 -10.58 -29.62
N TRP A 52 -6.74 -9.56 -29.42
CA TRP A 52 -8.15 -9.66 -29.77
C TRP A 52 -8.42 -8.76 -30.97
N SER A 53 -9.20 -9.28 -31.92
CA SER A 53 -9.48 -8.55 -33.15
C SER A 53 -10.67 -7.60 -33.01
N ASP A 54 -11.55 -7.85 -32.04
CA ASP A 54 -12.71 -7.01 -31.77
C ASP A 54 -12.31 -5.77 -30.98
N ILE A 55 -13.30 -4.97 -30.60
CA ILE A 55 -13.12 -3.82 -29.72
C ILE A 55 -13.45 -4.23 -28.29
N TRP A 56 -12.47 -4.13 -27.39
CA TRP A 56 -12.70 -4.42 -25.99
C TRP A 56 -13.40 -3.25 -25.30
N ASN A 57 -14.45 -3.57 -24.56
CA ASN A 57 -15.27 -2.55 -23.90
C ASN A 57 -14.75 -2.37 -22.48
N ALA A 58 -14.04 -1.27 -22.26
CA ALA A 58 -13.43 -0.97 -20.97
C ALA A 58 -14.20 0.17 -20.32
N THR A 59 -15.43 -0.14 -19.95
CA THR A 59 -16.38 0.88 -19.52
C THR A 59 -16.87 0.66 -18.09
N LYS A 60 -16.35 -0.36 -17.40
CA LYS A 60 -16.75 -0.67 -16.03
C LYS A 60 -15.57 -1.33 -15.34
N TYR A 61 -15.44 -1.06 -14.05
CA TYR A 61 -14.44 -1.77 -13.25
C TYR A 61 -14.61 -3.28 -13.44
N ALA A 62 -13.48 -3.99 -13.51
CA ALA A 62 -13.54 -5.42 -13.66
C ALA A 62 -13.65 -6.10 -12.30
N ASN A 63 -13.70 -7.43 -12.33
CA ASN A 63 -13.62 -8.25 -11.13
C ASN A 63 -12.44 -7.86 -10.24
N SER A 64 -12.71 -7.78 -8.93
CA SER A 64 -11.66 -7.81 -7.92
C SER A 64 -11.15 -9.24 -7.74
N CYS A 65 -9.91 -9.37 -7.25
CA CYS A 65 -9.34 -10.69 -7.02
C CYS A 65 -9.90 -11.30 -5.74
N CYS A 66 -9.91 -12.64 -5.70
CA CYS A 66 -10.45 -13.36 -4.56
C CYS A 66 -9.76 -12.93 -3.27
N GLN A 67 -10.55 -12.79 -2.21
CA GLN A 67 -10.00 -12.30 -0.96
C GLN A 67 -11.05 -12.45 0.15
N ASN A 68 -10.57 -12.68 1.36
CA ASN A 68 -11.41 -12.53 2.52
C ASN A 68 -11.79 -11.08 2.71
N ILE A 69 -12.91 -10.87 3.39
CA ILE A 69 -13.47 -9.54 3.61
C ILE A 69 -13.39 -9.22 5.08
N ASP A 70 -13.21 -7.94 5.38
CA ASP A 70 -13.37 -7.45 6.74
C ASP A 70 -14.87 -7.40 7.06
N GLN A 71 -15.32 -8.26 7.97
CA GLN A 71 -16.70 -8.24 8.47
C GLN A 71 -16.78 -7.83 9.93
N SER A 72 -15.71 -7.25 10.48
CA SER A 72 -15.70 -6.93 11.90
C SER A 72 -16.70 -5.84 12.26
N PHE A 73 -17.23 -5.08 11.30
CA PHE A 73 -18.21 -4.02 11.58
C PHE A 73 -19.23 -3.91 10.45
N PRO A 74 -20.15 -4.88 10.35
CA PRO A 74 -21.12 -4.83 9.22
C PRO A 74 -21.95 -3.55 9.27
N GLY A 75 -22.15 -2.96 8.11
CA GLY A 75 -22.93 -1.72 8.00
C GLY A 75 -22.17 -0.44 8.30
N PHE A 76 -20.96 -0.54 8.83
CA PHE A 76 -20.17 0.63 9.22
C PHE A 76 -19.32 1.08 8.04
N HIS A 77 -19.43 2.34 7.65
CA HIS A 77 -18.69 2.84 6.50
C HIS A 77 -17.18 2.81 6.74
N GLY A 78 -16.75 3.02 7.98
CA GLY A 78 -15.33 3.05 8.27
C GLY A 78 -14.61 1.78 7.87
N SER A 79 -15.23 0.62 8.10
CA SER A 79 -14.57 -0.59 7.65
C SER A 79 -14.98 -0.95 6.23
N GLU A 80 -16.25 -0.81 5.89
CA GLU A 80 -16.74 -1.37 4.64
C GLU A 80 -16.29 -0.56 3.42
N MET A 81 -15.91 0.70 3.60
CA MET A 81 -15.35 1.50 2.49
C MET A 81 -14.10 0.87 1.87
N TRP A 82 -13.42 -0.06 2.56
CA TRP A 82 -12.23 -0.77 2.09
C TRP A 82 -12.53 -2.12 1.45
N ASN A 83 -13.74 -2.60 1.56
CA ASN A 83 -14.09 -3.91 1.04
C ASN A 83 -14.29 -3.85 -0.48
N PRO A 84 -14.03 -4.96 -1.16
CA PRO A 84 -14.21 -4.99 -2.63
C PRO A 84 -15.61 -4.56 -3.04
N ASN A 85 -15.68 -3.74 -4.09
CA ASN A 85 -16.95 -3.23 -4.64
C ASN A 85 -17.20 -3.74 -6.05
N THR A 86 -16.51 -4.79 -6.47
CA THR A 86 -16.91 -5.56 -7.63
C THR A 86 -16.80 -7.03 -7.25
N ASP A 87 -17.44 -7.90 -8.05
CA ASP A 87 -17.38 -9.36 -7.83
C ASP A 87 -15.95 -9.81 -7.60
N LEU A 88 -15.78 -10.76 -6.69
CA LEU A 88 -14.52 -11.47 -6.56
C LEU A 88 -14.44 -12.54 -7.63
N SER A 89 -13.24 -12.72 -8.19
CA SER A 89 -13.05 -13.73 -9.21
C SER A 89 -11.55 -13.97 -9.36
N GLU A 90 -11.16 -15.20 -9.62
CA GLU A 90 -9.78 -15.43 -10.00
C GLU A 90 -9.44 -14.73 -11.31
N ASP A 91 -10.45 -14.39 -12.12
CA ASP A 91 -10.23 -13.69 -13.36
C ASP A 91 -10.28 -12.20 -12.99
N CYS A 92 -9.12 -11.67 -12.55
CA CYS A 92 -9.09 -10.33 -11.99
C CYS A 92 -7.90 -9.49 -12.43
N LEU A 93 -7.10 -9.95 -13.39
CA LEU A 93 -5.88 -9.22 -13.79
C LEU A 93 -6.28 -8.19 -14.84
N TYR A 94 -6.74 -7.03 -14.35
CA TYR A 94 -7.19 -5.91 -15.17
C TYR A 94 -6.61 -4.62 -14.61
N LEU A 95 -6.55 -3.59 -15.46
CA LEU A 95 -6.07 -2.29 -15.02
C LEU A 95 -7.01 -1.20 -15.53
N ASN A 96 -6.86 0.01 -14.96
CA ASN A 96 -7.66 1.18 -15.33
C ASN A 96 -6.76 2.33 -15.75
N VAL A 97 -7.25 3.17 -16.66
CA VAL A 97 -6.51 4.31 -17.18
C VAL A 97 -7.44 5.51 -17.20
N TRP A 98 -7.04 6.59 -16.55
CA TRP A 98 -7.75 7.86 -16.64
C TRP A 98 -6.89 8.83 -17.45
N ILE A 99 -7.50 9.41 -18.48
CA ILE A 99 -6.81 10.21 -19.49
C ILE A 99 -7.39 11.62 -19.43
N PRO A 100 -6.57 12.67 -19.42
CA PRO A 100 -7.12 14.03 -19.53
C PRO A 100 -7.80 14.21 -20.87
N ALA A 101 -8.78 15.08 -20.89
CA ALA A 101 -9.40 15.50 -22.14
C ALA A 101 -9.35 17.03 -22.18
N PRO A 102 -8.81 17.63 -23.24
CA PRO A 102 -8.34 16.97 -24.46
C PRO A 102 -7.15 16.06 -24.24
N LYS A 103 -7.10 14.98 -25.03
CA LYS A 103 -6.03 14.00 -25.05
C LYS A 103 -4.69 14.69 -24.86
N PRO A 104 -3.88 14.25 -23.91
CA PRO A 104 -2.58 14.88 -23.70
C PRO A 104 -1.61 14.41 -24.76
N LYS A 105 -0.47 15.09 -24.84
CA LYS A 105 0.52 14.75 -25.84
C LYS A 105 1.72 14.00 -25.27
N ASN A 106 2.14 14.30 -24.06
CA ASN A 106 3.23 13.55 -23.46
C ASN A 106 3.13 13.64 -21.95
N ALA A 107 2.01 13.16 -21.41
CA ALA A 107 1.68 13.39 -20.01
C ALA A 107 2.44 12.44 -19.10
N THR A 108 2.77 12.94 -17.91
CA THR A 108 3.37 12.10 -16.88
C THR A 108 2.31 11.12 -16.37
N VAL A 109 2.74 9.88 -16.09
CA VAL A 109 1.86 8.80 -15.70
C VAL A 109 2.03 8.51 -14.22
N LEU A 110 0.93 8.48 -13.49
CA LEU A 110 0.91 8.03 -12.10
C LEU A 110 0.29 6.63 -12.03
N ILE A 111 1.04 5.66 -11.52
CA ILE A 111 0.56 4.29 -11.38
C ILE A 111 0.34 3.97 -9.90
N TRP A 112 -0.93 3.70 -9.54
CA TRP A 112 -1.34 3.44 -8.15
C TRP A 112 -1.36 1.96 -7.83
N ILE A 113 -0.84 1.60 -6.67
CA ILE A 113 -0.80 0.22 -6.19
C ILE A 113 -1.46 0.19 -4.82
N TYR A 114 -2.61 -0.49 -4.70
CA TYR A 114 -3.38 -0.43 -3.44
C TYR A 114 -2.75 -1.29 -2.35
N GLY A 115 -3.04 -0.91 -1.10
CA GLY A 115 -2.69 -1.71 0.04
C GLY A 115 -3.82 -2.64 0.43
N GLY A 116 -3.66 -3.23 1.61
CA GLY A 116 -4.53 -4.29 2.06
C GLY A 116 -3.73 -5.45 2.65
N GLY A 117 -2.53 -5.15 3.16
CA GLY A 117 -1.75 -6.19 3.81
C GLY A 117 -1.37 -7.37 2.93
N PHE A 118 -1.30 -7.18 1.61
CA PHE A 118 -1.08 -8.26 0.63
C PHE A 118 -2.16 -9.36 0.69
N GLN A 119 -3.21 -9.20 1.51
CA GLN A 119 -4.30 -10.19 1.54
C GLN A 119 -5.61 -9.64 0.97
N THR A 120 -5.76 -8.33 0.84
CA THR A 120 -7.01 -7.71 0.39
C THR A 120 -6.72 -6.49 -0.47
N GLY A 121 -7.78 -5.94 -1.08
CA GLY A 121 -7.70 -4.69 -1.80
C GLY A 121 -8.21 -4.75 -3.22
N THR A 122 -8.55 -3.60 -3.77
CA THR A 122 -8.97 -3.55 -5.16
C THR A 122 -8.78 -2.13 -5.66
N SER A 123 -8.57 -2.00 -6.97
CA SER A 123 -8.34 -0.68 -7.53
C SER A 123 -9.63 0.08 -7.82
N SER A 124 -10.79 -0.55 -7.69
CA SER A 124 -12.07 0.09 -8.01
C SER A 124 -12.65 0.88 -6.84
N LEU A 125 -12.00 0.90 -5.68
CA LEU A 125 -12.51 1.66 -4.56
C LEU A 125 -12.71 3.13 -4.93
N HIS A 126 -13.78 3.70 -4.40
CA HIS A 126 -14.12 5.09 -4.65
C HIS A 126 -12.96 6.02 -4.30
N VAL A 127 -12.21 5.71 -3.23
CA VAL A 127 -11.12 6.60 -2.82
C VAL A 127 -9.89 6.46 -3.70
N TYR A 128 -9.86 5.53 -4.67
CA TYR A 128 -8.78 5.39 -5.63
C TYR A 128 -9.15 5.88 -7.02
N ASP A 129 -10.25 6.60 -7.15
CA ASP A 129 -10.74 7.09 -8.44
C ASP A 129 -9.75 8.12 -8.99
N GLY A 130 -9.12 7.80 -10.13
CA GLY A 130 -8.11 8.68 -10.66
C GLY A 130 -8.59 9.87 -11.48
N LYS A 131 -9.90 10.14 -11.55
CA LYS A 131 -10.37 11.14 -12.49
C LYS A 131 -10.06 12.56 -12.02
N PHE A 132 -10.01 12.80 -10.71
CA PHE A 132 -9.71 14.15 -10.27
C PHE A 132 -8.27 14.53 -10.61
N LEU A 133 -7.33 13.58 -10.48
CA LEU A 133 -5.94 13.90 -10.80
C LEU A 133 -5.75 14.16 -12.30
N ALA A 134 -6.41 13.35 -13.14
CA ALA A 134 -6.33 13.59 -14.57
C ALA A 134 -6.92 14.96 -14.90
N ARG A 135 -8.10 15.25 -14.37
CA ARG A 135 -8.75 16.53 -14.61
C ARG A 135 -7.86 17.70 -14.15
N VAL A 136 -7.38 17.65 -12.92
CA VAL A 136 -6.82 18.83 -12.28
C VAL A 136 -5.34 19.04 -12.60
N GLU A 137 -4.55 17.97 -12.73
CA GLU A 137 -3.12 18.09 -12.99
C GLU A 137 -2.72 17.62 -14.38
N ARG A 138 -3.69 17.14 -15.18
CA ARG A 138 -3.42 16.64 -16.53
C ARG A 138 -2.36 15.56 -16.54
N VAL A 139 -2.25 14.78 -15.46
CA VAL A 139 -1.49 13.54 -15.52
C VAL A 139 -2.40 12.39 -15.93
N ILE A 140 -1.81 11.28 -16.33
CA ILE A 140 -2.55 10.04 -16.55
C ILE A 140 -2.39 9.17 -15.31
N VAL A 141 -3.53 8.66 -14.81
CA VAL A 141 -3.57 7.81 -13.63
C VAL A 141 -3.88 6.39 -14.08
N VAL A 142 -3.01 5.45 -13.71
CA VAL A 142 -3.24 4.03 -13.96
C VAL A 142 -3.29 3.32 -12.62
N SER A 143 -4.17 2.32 -12.51
CA SER A 143 -4.24 1.42 -11.36
C SER A 143 -4.55 0.01 -11.85
N MET A 144 -4.08 -0.99 -11.10
CA MET A 144 -4.22 -2.37 -11.52
C MET A 144 -4.67 -3.23 -10.34
N ASN A 145 -5.33 -4.35 -10.67
CA ASN A 145 -5.61 -5.38 -9.70
C ASN A 145 -4.48 -6.40 -9.75
N TYR A 146 -4.10 -6.89 -8.58
CA TYR A 146 -3.05 -7.90 -8.50
C TYR A 146 -3.50 -8.94 -7.50
N ARG A 147 -3.07 -10.18 -7.73
CA ARG A 147 -3.48 -11.28 -6.88
C ARG A 147 -2.95 -11.09 -5.46
N VAL A 148 -3.71 -11.64 -4.52
CA VAL A 148 -3.60 -11.28 -3.12
C VAL A 148 -3.84 -12.56 -2.31
N GLY A 149 -3.33 -12.58 -1.08
CA GLY A 149 -3.41 -13.80 -0.29
C GLY A 149 -2.65 -14.98 -0.88
N ALA A 150 -3.07 -16.19 -0.49
CA ALA A 150 -2.42 -17.40 -0.97
C ALA A 150 -2.37 -17.45 -2.49
N LEU A 151 -3.46 -17.07 -3.15
CA LEU A 151 -3.49 -17.10 -4.61
C LEU A 151 -2.44 -16.17 -5.23
N GLY A 152 -1.93 -15.19 -4.48
CA GLY A 152 -0.96 -14.25 -5.01
C GLY A 152 0.42 -14.42 -4.44
N PHE A 153 0.56 -15.12 -3.32
CA PHE A 153 1.85 -15.15 -2.63
C PHE A 153 2.20 -16.49 -2.01
N LEU A 154 1.43 -17.54 -2.26
CA LEU A 154 1.86 -18.89 -1.88
C LEU A 154 3.27 -19.17 -2.40
N ALA A 155 4.12 -19.76 -1.56
CA ALA A 155 5.53 -19.91 -1.90
C ALA A 155 6.00 -21.35 -1.69
N LEU A 156 6.46 -21.97 -2.77
CA LEU A 156 7.42 -23.08 -2.70
C LEU A 156 8.66 -22.63 -3.48
N PRO A 157 9.71 -22.16 -2.81
CA PRO A 157 10.78 -21.45 -3.53
C PRO A 157 11.45 -22.34 -4.55
N GLY A 158 11.70 -21.77 -5.73
CA GLY A 158 12.25 -22.50 -6.86
C GLY A 158 11.23 -23.24 -7.72
N ASN A 159 10.02 -23.47 -7.21
CA ASN A 159 9.02 -24.27 -7.92
C ASN A 159 8.12 -23.36 -8.73
N PRO A 160 8.22 -23.32 -10.07
CA PRO A 160 7.42 -22.34 -10.83
C PRO A 160 5.92 -22.61 -10.82
N GLU A 161 5.48 -23.74 -10.22
CA GLU A 161 4.05 -23.95 -10.01
C GLU A 161 3.50 -23.11 -8.87
N ALA A 162 4.38 -22.65 -7.99
CA ALA A 162 4.02 -21.78 -6.87
C ALA A 162 5.29 -21.09 -6.39
N PRO A 163 5.89 -20.20 -7.18
CA PRO A 163 7.21 -19.67 -6.82
C PRO A 163 7.20 -18.62 -5.74
N GLY A 164 6.07 -17.97 -5.49
CA GLY A 164 6.01 -16.82 -4.62
C GLY A 164 5.94 -15.53 -5.41
N ASN A 165 5.44 -14.48 -4.75
CA ASN A 165 5.51 -13.11 -5.26
C ASN A 165 4.70 -12.92 -6.53
N MET A 166 3.77 -13.83 -6.81
CA MET A 166 2.97 -13.72 -8.02
C MET A 166 2.24 -12.38 -8.12
N GLY A 167 1.67 -11.91 -7.01
CA GLY A 167 0.98 -10.63 -7.05
C GLY A 167 1.93 -9.49 -7.39
N LEU A 168 3.18 -9.58 -6.92
CA LEU A 168 4.19 -8.61 -7.32
C LEU A 168 4.51 -8.71 -8.80
N PHE A 169 4.61 -9.94 -9.33
CA PHE A 169 4.77 -10.10 -10.77
C PHE A 169 3.53 -9.63 -11.51
N ASP A 170 2.34 -9.69 -10.89
CA ASP A 170 1.17 -9.09 -11.52
C ASP A 170 1.34 -7.58 -11.68
N GLN A 171 1.72 -6.90 -10.57
CA GLN A 171 2.01 -5.47 -10.63
C GLN A 171 3.03 -5.18 -11.71
N GLN A 172 4.09 -6.00 -11.80
CA GLN A 172 5.17 -5.75 -12.75
C GLN A 172 4.69 -5.85 -14.18
N LEU A 173 3.84 -6.85 -14.47
CA LEU A 173 3.33 -7.02 -15.82
C LEU A 173 2.42 -5.87 -16.21
N ALA A 174 1.82 -5.19 -15.23
CA ALA A 174 1.01 -4.02 -15.57
C ALA A 174 1.88 -2.77 -15.78
N LEU A 175 2.97 -2.61 -15.02
CA LEU A 175 3.93 -1.55 -15.35
C LEU A 175 4.47 -1.76 -16.77
N GLN A 176 4.76 -3.02 -17.10
CA GLN A 176 5.10 -3.46 -18.43
C GLN A 176 4.08 -2.98 -19.46
N TRP A 177 2.79 -3.19 -19.18
CA TRP A 177 1.74 -2.78 -20.11
C TRP A 177 1.82 -1.28 -20.37
N VAL A 178 2.11 -0.50 -19.32
CA VAL A 178 2.19 0.94 -19.48
C VAL A 178 3.36 1.32 -20.37
N GLN A 179 4.49 0.63 -20.23
CA GLN A 179 5.63 0.88 -21.10
C GLN A 179 5.27 0.64 -22.57
N LYS A 180 4.64 -0.51 -22.87
CA LYS A 180 4.31 -0.84 -24.25
C LYS A 180 3.18 -0.01 -24.85
N ASN A 181 2.31 0.60 -24.03
CA ASN A 181 1.01 1.04 -24.52
C ASN A 181 0.61 2.45 -24.14
N ILE A 182 1.16 3.03 -23.07
CA ILE A 182 0.62 4.30 -22.61
C ILE A 182 0.87 5.44 -23.61
N ALA A 183 1.85 5.32 -24.51
CA ALA A 183 2.03 6.37 -25.52
C ALA A 183 0.80 6.48 -26.40
N ALA A 184 0.17 5.34 -26.74
CA ALA A 184 -1.06 5.39 -27.52
C ALA A 184 -2.15 6.19 -26.84
N PHE A 185 -2.07 6.37 -25.53
CA PHE A 185 -3.06 7.10 -24.74
C PHE A 185 -2.67 8.55 -24.48
N GLY A 186 -1.54 9.01 -25.02
CA GLY A 186 -1.06 10.34 -24.74
C GLY A 186 -0.07 10.46 -23.61
N GLY A 187 0.49 9.33 -23.15
CA GLY A 187 1.29 9.32 -21.94
C GLY A 187 2.75 9.12 -22.24
N ASN A 188 3.60 9.60 -21.34
CA ASN A 188 5.03 9.49 -21.48
C ASN A 188 5.54 8.25 -20.74
N PRO A 189 5.91 7.18 -21.42
CA PRO A 189 6.47 6.01 -20.72
C PRO A 189 7.79 6.29 -20.01
N LYS A 190 8.48 7.38 -20.33
CA LYS A 190 9.72 7.74 -19.65
C LYS A 190 9.49 8.60 -18.41
N SER A 191 8.23 8.96 -18.11
CA SER A 191 7.86 9.75 -16.94
C SER A 191 6.73 9.02 -16.20
N VAL A 192 7.09 7.96 -15.47
CA VAL A 192 6.15 7.11 -14.76
C VAL A 192 6.49 7.12 -13.28
N THR A 193 5.57 7.57 -12.43
CA THR A 193 5.77 7.52 -11.00
C THR A 193 4.87 6.46 -10.38
N LEU A 194 5.44 5.55 -9.62
CA LEU A 194 4.65 4.61 -8.85
C LEU A 194 4.24 5.27 -7.54
N PHE A 195 2.97 5.11 -7.15
CA PHE A 195 2.56 5.48 -5.79
C PHE A 195 1.58 4.44 -5.25
N GLY A 196 1.62 4.27 -3.93
CA GLY A 196 0.89 3.24 -3.22
C GLY A 196 0.88 3.54 -1.74
N GLU A 197 -0.01 2.84 -1.03
CA GLU A 197 -0.21 3.03 0.41
C GLU A 197 -0.26 1.69 1.09
N SER A 198 0.27 1.63 2.32
CA SER A 198 0.33 0.41 3.15
C SER A 198 1.08 -0.68 2.39
N ALA A 199 0.47 -1.84 2.11
CA ALA A 199 1.18 -2.85 1.35
C ALA A 199 1.43 -2.42 -0.08
N GLY A 200 0.65 -1.47 -0.60
CA GLY A 200 0.98 -0.88 -1.90
C GLY A 200 2.28 -0.11 -1.86
N ALA A 201 2.53 0.61 -0.76
CA ALA A 201 3.80 1.32 -0.61
C ALA A 201 4.95 0.33 -0.43
N ALA A 202 4.77 -0.69 0.42
CA ALA A 202 5.78 -1.74 0.52
C ALA A 202 6.05 -2.34 -0.85
N SER A 203 5.00 -2.54 -1.64
CA SER A 203 5.17 -3.01 -3.01
C SER A 203 6.01 -2.04 -3.83
N VAL A 204 5.70 -0.74 -3.75
CA VAL A 204 6.50 0.25 -4.47
C VAL A 204 7.96 0.15 -4.06
N SER A 205 8.22 -0.01 -2.76
CA SER A 205 9.60 -0.07 -2.29
C SER A 205 10.33 -1.31 -2.83
N LEU A 206 9.60 -2.37 -3.13
CA LEU A 206 10.20 -3.60 -3.61
C LEU A 206 10.48 -3.54 -5.11
N HIS A 207 9.68 -2.78 -5.85
CA HIS A 207 10.01 -2.51 -7.25
C HIS A 207 11.26 -1.64 -7.37
N LEU A 208 11.52 -0.74 -6.40
CA LEU A 208 12.80 -0.06 -6.35
C LEU A 208 13.95 -1.05 -6.23
N LEU A 209 13.70 -2.18 -5.58
CA LEU A 209 14.72 -3.18 -5.33
C LEU A 209 14.79 -4.22 -6.43
N SER A 210 13.71 -4.47 -7.15
CA SER A 210 13.70 -5.58 -8.09
C SER A 210 14.30 -5.13 -9.41
N PRO A 211 15.37 -5.77 -9.87
CA PRO A 211 16.00 -5.34 -11.14
C PRO A 211 15.07 -5.45 -12.33
N GLY A 212 14.16 -6.44 -12.33
CA GLY A 212 13.18 -6.55 -13.40
C GLY A 212 12.24 -5.37 -13.50
N SER A 213 12.13 -4.57 -12.44
CA SER A 213 11.28 -3.38 -12.49
C SER A 213 12.06 -2.08 -12.73
N HIS A 214 13.39 -2.12 -12.73
CA HIS A 214 14.16 -0.88 -12.72
CA HIS A 214 14.22 -0.91 -12.76
C HIS A 214 13.85 0.00 -13.93
N SER A 215 13.58 -0.59 -15.09
CA SER A 215 13.30 0.20 -16.29
C SER A 215 11.83 0.50 -16.53
N LEU A 216 10.94 0.09 -15.61
CA LEU A 216 9.50 0.24 -15.81
C LEU A 216 8.92 1.46 -15.13
N PHE A 217 9.75 2.28 -14.46
CA PHE A 217 9.24 3.50 -13.84
C PHE A 217 10.40 4.48 -13.61
N THR A 218 10.03 5.71 -13.27
CA THR A 218 10.97 6.80 -13.05
C THR A 218 11.19 7.11 -11.58
N ARG A 219 10.12 7.37 -10.84
CA ARG A 219 10.15 7.83 -9.45
C ARG A 219 9.17 7.02 -8.63
N ALA A 220 9.14 7.27 -7.33
CA ALA A 220 8.36 6.44 -6.42
C ALA A 220 7.87 7.25 -5.23
N ILE A 221 6.64 6.97 -4.81
CA ILE A 221 5.98 7.62 -3.67
C ILE A 221 5.47 6.53 -2.76
N LEU A 222 5.85 6.58 -1.47
CA LEU A 222 5.52 5.53 -0.48
C LEU A 222 4.67 6.09 0.65
N GLN A 223 3.35 5.87 0.62
CA GLN A 223 2.48 6.36 1.69
C GLN A 223 2.24 5.30 2.76
N SER A 224 2.73 5.55 3.98
CA SER A 224 2.55 4.62 5.12
C SER A 224 2.92 3.17 4.80
N GLY A 225 4.13 2.95 4.28
CA GLY A 225 4.59 1.58 4.07
C GLY A 225 5.95 1.56 3.44
N SER A 226 6.67 0.45 3.67
CA SER A 226 7.97 0.14 3.07
C SER A 226 8.29 -1.33 3.37
N PHE A 227 9.16 -1.94 2.54
CA PHE A 227 9.40 -3.38 2.66
C PHE A 227 10.05 -3.77 3.98
N ASN A 228 10.76 -2.85 4.64
CA ASN A 228 11.41 -3.16 5.89
C ASN A 228 10.47 -3.09 7.08
N ALA A 229 9.19 -2.79 6.85
CA ALA A 229 8.23 -2.89 7.94
C ALA A 229 8.12 -4.36 8.37
N PRO A 230 7.93 -4.63 9.68
CA PRO A 230 7.97 -6.04 10.13
C PRO A 230 6.92 -6.94 9.48
N TRP A 231 5.80 -6.40 9.02
CA TRP A 231 4.73 -7.21 8.44
C TRP A 231 4.91 -7.46 6.95
N ALA A 232 5.95 -6.90 6.31
CA ALA A 232 5.95 -6.77 4.85
C ALA A 232 6.63 -7.90 4.09
N VAL A 233 7.48 -8.69 4.73
CA VAL A 233 8.18 -9.77 4.04
C VAL A 233 7.98 -11.05 4.84
N THR A 234 7.53 -12.11 4.17
CA THR A 234 7.37 -13.40 4.81
C THR A 234 8.66 -14.20 4.67
N SER A 235 9.20 -14.68 5.80
CA SER A 235 10.44 -15.44 5.75
C SER A 235 10.24 -16.75 5.00
N LEU A 236 11.34 -17.30 4.45
CA LEU A 236 11.21 -18.60 3.79
C LEU A 236 10.82 -19.68 4.80
N TYR A 237 11.24 -19.53 6.06
CA TYR A 237 10.79 -20.42 7.11
C TYR A 237 9.27 -20.37 7.24
N GLU A 238 8.72 -19.20 7.57
CA GLU A 238 7.28 -19.09 7.71
C GLU A 238 6.56 -19.53 6.43
N ALA A 239 7.07 -19.14 5.26
CA ALA A 239 6.33 -19.42 4.03
C ALA A 239 6.18 -20.92 3.80
N ARG A 240 7.24 -21.70 4.06
CA ARG A 240 7.12 -23.15 3.98
C ARG A 240 6.07 -23.69 4.96
N ASN A 241 6.26 -23.43 6.26
CA ASN A 241 5.28 -23.87 7.26
C ASN A 241 3.86 -23.49 6.85
N ARG A 242 3.70 -22.30 6.24
CA ARG A 242 2.37 -21.80 5.86
C ARG A 242 1.84 -22.51 4.62
N THR A 243 2.70 -22.72 3.62
CA THR A 243 2.33 -23.53 2.48
C THR A 243 1.94 -24.95 2.90
N LEU A 244 2.73 -25.57 3.80
CA LEU A 244 2.42 -26.93 4.23
C LEU A 244 1.14 -26.98 5.05
N ASN A 245 0.99 -26.06 6.01
CA ASN A 245 -0.21 -26.03 6.85
C ASN A 245 -1.48 -25.86 6.00
N LEU A 246 -1.41 -25.02 4.95
CA LEU A 246 -2.54 -24.92 4.04
C LEU A 246 -2.83 -26.26 3.34
N ALA A 247 -1.78 -27.02 3.00
CA ALA A 247 -1.97 -28.33 2.41
C ALA A 247 -2.70 -29.27 3.37
N LYS A 248 -2.27 -29.29 4.64
CA LYS A 248 -2.95 -30.12 5.62
C LYS A 248 -4.42 -29.76 5.71
N LEU A 249 -4.72 -28.48 5.95
CA LEU A 249 -6.11 -28.04 6.13
C LEU A 249 -6.99 -28.26 4.91
N THR A 250 -6.42 -28.58 3.76
CA THR A 250 -7.22 -28.87 2.58
C THR A 250 -7.07 -30.32 2.12
N GLY A 251 -6.42 -31.16 2.91
CA GLY A 251 -6.19 -32.54 2.51
C GLY A 251 -5.24 -32.69 1.35
N CYS A 252 -4.39 -31.70 1.11
CA CYS A 252 -3.49 -31.71 -0.04
C CYS A 252 -2.06 -32.06 0.34
N SER A 253 -1.84 -32.46 1.59
CA SER A 253 -0.51 -32.91 1.98
C SER A 253 -0.07 -34.08 1.10
N ARG A 254 1.02 -33.88 0.37
CA ARG A 254 1.60 -34.91 -0.47
C ARG A 254 3.11 -34.90 -0.23
N GLU A 255 3.78 -35.92 -0.75
CA GLU A 255 5.22 -35.96 -0.62
C GLU A 255 5.91 -35.22 -1.77
N ASN A 256 5.53 -35.53 -3.00
CA ASN A 256 5.96 -34.73 -4.15
C ASN A 256 5.40 -33.32 -4.01
N GLU A 257 6.27 -32.32 -4.05
CA GLU A 257 5.85 -30.94 -3.79
C GLU A 257 5.02 -30.37 -4.93
N THR A 258 5.35 -30.71 -6.18
CA THR A 258 4.51 -30.29 -7.29
C THR A 258 3.14 -30.95 -7.21
N GLU A 259 3.05 -32.14 -6.60
CA GLU A 259 1.77 -32.82 -6.42
C GLU A 259 0.85 -32.09 -5.45
N ILE A 260 1.43 -31.39 -4.46
CA ILE A 260 0.61 -30.59 -3.56
C ILE A 260 -0.08 -29.46 -4.32
N ILE A 261 0.69 -28.75 -5.17
CA ILE A 261 0.12 -27.65 -5.94
C ILE A 261 -1.01 -28.13 -6.83
N LYS A 262 -0.77 -29.23 -7.58
CA LYS A 262 -1.82 -29.77 -8.42
C LYS A 262 -3.09 -30.02 -7.60
N CYS A 263 -2.93 -30.59 -6.39
CA CYS A 263 -4.06 -30.78 -5.50
C CYS A 263 -4.74 -29.45 -5.18
N LEU A 264 -3.97 -28.45 -4.76
CA LEU A 264 -4.51 -27.15 -4.42
C LEU A 264 -5.19 -26.47 -5.59
N ARG A 265 -4.84 -26.87 -6.82
CA ARG A 265 -5.43 -26.32 -8.03
C ARG A 265 -6.85 -26.82 -8.30
N ASN A 266 -7.26 -27.91 -7.66
CA ASN A 266 -8.62 -28.43 -7.80
C ASN A 266 -9.56 -27.88 -6.75
N LYS A 267 -9.02 -27.43 -5.63
CA LYS A 267 -9.85 -26.84 -4.60
C LYS A 267 -10.52 -25.57 -5.13
N ASP A 268 -11.75 -25.34 -4.66
CA ASP A 268 -12.48 -24.16 -5.06
C ASP A 268 -11.90 -22.93 -4.36
N PRO A 269 -11.93 -21.74 -5.03
CA PRO A 269 -11.39 -20.53 -4.38
C PRO A 269 -11.76 -20.33 -2.91
N GLN A 270 -13.04 -20.49 -2.56
CA GLN A 270 -13.45 -20.24 -1.17
C GLN A 270 -12.79 -21.20 -0.19
N GLU A 271 -12.46 -22.42 -0.63
CA GLU A 271 -11.81 -23.35 0.27
C GLU A 271 -10.39 -22.91 0.60
N ILE A 272 -9.66 -22.38 -0.39
CA ILE A 272 -8.36 -21.80 -0.11
C ILE A 272 -8.51 -20.58 0.78
N LEU A 273 -9.49 -19.72 0.49
CA LEU A 273 -9.65 -18.50 1.27
C LEU A 273 -9.94 -18.84 2.73
N LEU A 274 -10.87 -19.78 2.98
CA LEU A 274 -11.30 -20.03 4.34
C LEU A 274 -10.16 -20.55 5.21
N ASN A 275 -9.28 -21.36 4.64
CA ASN A 275 -8.18 -21.93 5.41
C ASN A 275 -6.95 -21.02 5.51
N GLU A 276 -6.89 -19.97 4.69
CA GLU A 276 -5.82 -18.98 4.78
C GLU A 276 -5.63 -18.48 6.21
N ALA A 277 -6.74 -18.28 6.93
CA ALA A 277 -6.68 -17.60 8.22
C ALA A 277 -6.02 -18.45 9.30
N PHE A 278 -6.07 -19.77 9.15
CA PHE A 278 -5.57 -20.70 10.16
C PHE A 278 -4.14 -21.18 9.92
N VAL A 279 -3.49 -20.80 8.81
CA VAL A 279 -2.13 -21.30 8.60
C VAL A 279 -1.15 -20.75 9.64
N VAL A 280 -1.51 -19.68 10.32
CA VAL A 280 -0.67 -19.10 11.38
C VAL A 280 -1.28 -19.47 12.72
N PRO A 281 -0.52 -20.05 13.64
CA PRO A 281 -1.11 -20.48 14.91
C PRO A 281 -1.44 -19.30 15.81
N TYR A 282 -0.43 -18.46 16.03
CA TYR A 282 -0.58 -17.21 16.78
C TYR A 282 -0.36 -16.07 15.79
N GLY A 283 -1.42 -15.34 15.47
CA GLY A 283 -1.33 -14.22 14.55
C GLY A 283 -1.65 -12.91 15.25
N THR A 284 -1.46 -11.80 14.52
CA THR A 284 -1.77 -10.47 15.00
C THR A 284 -2.92 -9.90 14.18
N PRO A 285 -3.56 -8.79 14.59
CA PRO A 285 -4.50 -8.14 13.67
C PRO A 285 -3.86 -7.73 12.36
N LEU A 286 -2.54 -7.54 12.35
CA LEU A 286 -1.76 -7.14 11.19
C LEU A 286 -1.28 -8.31 10.35
N SER A 287 -1.84 -9.50 10.55
CA SER A 287 -1.16 -10.70 10.10
C SER A 287 -1.18 -10.82 8.58
N VAL A 288 0.01 -10.91 8.02
CA VAL A 288 0.21 -11.05 6.58
C VAL A 288 0.46 -12.54 6.37
N ASN A 289 -0.61 -13.30 6.18
CA ASN A 289 -0.48 -14.75 6.10
C ASN A 289 0.42 -15.16 4.95
N PHE A 290 0.11 -14.66 3.74
CA PHE A 290 0.88 -14.96 2.54
C PHE A 290 1.36 -13.65 1.94
N GLY A 291 2.64 -13.35 2.12
CA GLY A 291 3.21 -12.11 1.66
C GLY A 291 4.41 -12.27 0.77
N PRO A 292 5.07 -11.16 0.47
CA PRO A 292 6.29 -11.21 -0.34
C PRO A 292 7.34 -12.11 0.31
N THR A 293 8.07 -12.83 -0.54
CA THR A 293 9.17 -13.67 -0.08
C THR A 293 10.41 -13.38 -0.91
N VAL A 294 11.55 -13.81 -0.38
CA VAL A 294 12.79 -13.87 -1.14
C VAL A 294 12.71 -15.07 -2.08
N ASP A 295 12.19 -14.84 -3.28
CA ASP A 295 11.97 -15.91 -4.23
C ASP A 295 13.19 -16.22 -5.10
N GLY A 296 14.20 -15.36 -5.13
CA GLY A 296 15.29 -15.53 -6.07
C GLY A 296 14.97 -15.13 -7.48
N ASP A 297 13.84 -14.47 -7.71
CA ASP A 297 13.42 -14.03 -9.03
C ASP A 297 13.12 -12.53 -8.98
N PHE A 298 11.96 -12.19 -8.42
CA PHE A 298 11.65 -10.79 -8.17
C PHE A 298 12.58 -10.21 -7.12
N LEU A 299 12.85 -10.97 -6.07
CA LEU A 299 13.70 -10.57 -4.96
C LEU A 299 14.88 -11.53 -4.87
N THR A 300 16.11 -11.03 -5.08
CA THR A 300 17.27 -11.91 -5.16
C THR A 300 17.93 -12.17 -3.80
N ASP A 301 17.64 -11.38 -2.78
CA ASP A 301 18.30 -11.48 -1.48
C ASP A 301 17.37 -10.85 -0.45
N MET A 302 17.71 -11.01 0.83
CA MET A 302 16.88 -10.37 1.84
C MET A 302 16.93 -8.86 1.70
N PRO A 303 15.78 -8.19 1.63
CA PRO A 303 15.80 -6.79 1.20
C PRO A 303 16.48 -5.84 2.19
N ASP A 304 16.52 -6.15 3.48
CA ASP A 304 17.34 -5.36 4.39
C ASP A 304 18.79 -5.29 3.93
N ILE A 305 19.30 -6.35 3.31
CA ILE A 305 20.69 -6.37 2.85
C ILE A 305 20.84 -5.51 1.61
N LEU A 306 19.94 -5.68 0.64
CA LEU A 306 19.96 -4.83 -0.56
C LEU A 306 19.85 -3.36 -0.20
N LEU A 307 18.95 -3.02 0.74
CA LEU A 307 18.81 -1.63 1.18
C LEU A 307 20.12 -1.13 1.79
N GLU A 308 20.64 -1.87 2.77
CA GLU A 308 21.83 -1.44 3.49
C GLU A 308 23.04 -1.26 2.58
N LEU A 309 23.15 -2.05 1.51
CA LEU A 309 24.31 -1.99 0.64
C LEU A 309 24.01 -1.31 -0.69
N GLY A 310 22.95 -0.50 -0.75
CA GLY A 310 22.73 0.38 -1.88
C GLY A 310 22.35 -0.32 -3.17
N GLN A 311 21.77 -1.51 -3.09
CA GLN A 311 21.38 -2.26 -4.28
C GLN A 311 19.92 -1.96 -4.59
N PHE A 312 19.68 -0.81 -5.23
CA PHE A 312 18.34 -0.41 -5.62
C PHE A 312 18.41 0.67 -6.68
N LYS A 313 17.26 0.91 -7.33
CA LYS A 313 17.17 1.90 -8.38
C LYS A 313 17.43 3.30 -7.81
N LYS A 314 18.30 4.06 -8.48
CA LYS A 314 18.74 5.36 -8.01
C LYS A 314 17.83 6.43 -8.63
N THR A 315 17.04 7.09 -7.78
CA THR A 315 16.01 8.01 -8.24
C THR A 315 15.49 8.74 -7.00
N GLN A 316 14.52 9.63 -7.20
CA GLN A 316 13.94 10.38 -6.09
C GLN A 316 12.82 9.60 -5.44
N ILE A 317 12.68 9.72 -4.13
CA ILE A 317 11.55 9.14 -3.43
C ILE A 317 10.84 10.19 -2.60
N LEU A 318 9.52 9.99 -2.45
CA LEU A 318 8.67 10.78 -1.59
C LEU A 318 8.03 9.79 -0.60
N VAL A 319 8.24 10.01 0.69
CA VAL A 319 7.86 9.04 1.71
C VAL A 319 7.11 9.76 2.83
N GLY A 320 6.10 9.11 3.40
CA GLY A 320 5.47 9.74 4.55
C GLY A 320 4.59 8.80 5.35
N VAL A 321 4.11 9.32 6.49
CA VAL A 321 3.30 8.57 7.43
C VAL A 321 2.25 9.49 8.02
N ASN A 322 1.25 8.88 8.65
CA ASN A 322 0.18 9.61 9.31
C ASN A 322 0.40 9.63 10.82
N LYS A 323 -0.16 10.65 11.48
CA LYS A 323 0.09 10.89 12.90
C LYS A 323 -0.33 9.70 13.76
N ASP A 324 -1.43 9.02 13.41
CA ASP A 324 -1.95 7.95 14.25
C ASP A 324 -2.08 6.65 13.45
N GLU A 325 -0.98 6.25 12.79
CA GLU A 325 -0.94 4.98 12.04
C GLU A 325 -1.49 3.80 12.84
N GLY A 326 -1.22 3.76 14.15
CA GLY A 326 -1.46 2.55 14.93
C GLY A 326 -2.86 2.35 15.45
N THR A 327 -3.70 3.40 15.50
CA THR A 327 -4.97 3.26 16.25
C THR A 327 -5.94 2.29 15.58
N ALA A 328 -6.01 2.30 14.24
CA ALA A 328 -6.98 1.46 13.54
C ALA A 328 -6.93 0.00 13.97
N PHE A 329 -5.75 -0.49 14.37
CA PHE A 329 -5.61 -1.91 14.68
C PHE A 329 -6.06 -2.25 16.09
N LEU A 330 -6.26 -1.25 16.95
CA LEU A 330 -6.56 -1.55 18.35
C LEU A 330 -7.97 -2.09 18.52
N VAL A 331 -8.90 -1.66 17.69
CA VAL A 331 -10.29 -2.04 17.83
C VAL A 331 -10.54 -3.35 17.12
N TYR A 332 -9.49 -3.98 16.58
CA TYR A 332 -9.58 -5.32 16.00
C TYR A 332 -8.94 -6.38 16.89
N GLY A 333 -9.18 -6.30 18.20
CA GLY A 333 -8.75 -7.38 19.08
C GLY A 333 -8.20 -6.97 20.43
N ALA A 334 -7.62 -5.77 20.54
CA ALA A 334 -7.00 -5.35 21.79
C ALA A 334 -8.06 -5.18 22.88
N PRO A 335 -7.85 -5.75 24.06
CA PRO A 335 -8.89 -5.71 25.08
C PRO A 335 -9.04 -4.32 25.65
N GLY A 336 -10.29 -3.98 26.00
CA GLY A 336 -10.65 -2.67 26.49
C GLY A 336 -10.93 -1.66 25.42
N PHE A 337 -10.83 -2.03 24.15
CA PHE A 337 -10.96 -1.09 23.05
C PHE A 337 -12.29 -1.26 22.34
N SER A 338 -12.87 -0.16 21.90
CA SER A 338 -14.04 -0.22 21.04
C SER A 338 -14.10 1.07 20.24
N LYS A 339 -14.56 0.98 19.00
CA LYS A 339 -14.75 2.24 18.28
C LYS A 339 -15.90 3.05 18.83
N ASP A 340 -16.77 2.46 19.66
CA ASP A 340 -17.99 3.10 20.13
C ASP A 340 -17.89 3.67 21.55
N ASN A 341 -16.68 3.74 22.12
CA ASN A 341 -16.42 4.44 23.37
C ASN A 341 -14.98 4.94 23.30
N ASN A 342 -14.55 5.70 24.33
CA ASN A 342 -13.24 6.33 24.26
C ASN A 342 -12.08 5.41 24.65
N SER A 343 -12.36 4.16 25.01
CA SER A 343 -11.35 3.10 25.04
C SER A 343 -10.25 3.38 26.06
N ILE A 344 -10.58 4.08 27.14
CA ILE A 344 -9.67 4.23 28.27
C ILE A 344 -9.28 2.86 28.80
N ILE A 345 -8.02 2.49 28.63
CA ILE A 345 -7.57 1.18 29.09
C ILE A 345 -6.63 1.36 30.26
N THR A 346 -6.50 0.30 31.05
CA THR A 346 -5.60 0.29 32.20
C THR A 346 -4.28 -0.36 31.84
N ARG A 347 -3.30 -0.20 32.74
CA ARG A 347 -1.98 -0.81 32.58
C ARG A 347 -2.09 -2.29 32.26
N LYS A 348 -3.00 -2.99 32.94
CA LYS A 348 -3.14 -4.42 32.72
C LYS A 348 -3.68 -4.71 31.33
N GLU A 349 -4.59 -3.86 30.84
CA GLU A 349 -5.10 -4.01 29.48
C GLU A 349 -4.02 -3.72 28.46
N PHE A 350 -3.26 -2.65 28.67
CA PHE A 350 -2.07 -2.36 27.86
C PHE A 350 -1.16 -3.59 27.75
N GLN A 351 -0.80 -4.19 28.89
CA GLN A 351 0.10 -5.35 28.84
C GLN A 351 -0.52 -6.50 28.05
N GLU A 352 -1.83 -6.72 28.23
CA GLU A 352 -2.53 -7.71 27.42
C GLU A 352 -2.47 -7.34 25.94
N GLY A 353 -2.62 -6.04 25.64
CA GLY A 353 -2.52 -5.57 24.27
C GLY A 353 -1.17 -5.88 23.62
N LEU A 354 -0.08 -5.69 24.37
CA LEU A 354 1.24 -6.06 23.87
C LEU A 354 1.31 -7.54 23.50
N LYS A 355 0.66 -8.41 24.29
CA LYS A 355 0.67 -9.84 23.99
C LYS A 355 -0.01 -10.16 22.66
N ILE A 356 -1.08 -9.41 22.32
CA ILE A 356 -1.78 -9.62 21.05
C ILE A 356 -0.92 -9.16 19.86
N PHE A 357 -0.25 -8.00 20.00
CA PHE A 357 0.52 -7.47 18.89
C PHE A 357 1.95 -7.99 18.80
N PHE A 358 2.50 -8.59 19.86
CA PHE A 358 3.85 -9.18 19.80
C PHE A 358 3.81 -10.59 20.36
N PRO A 359 3.10 -11.50 19.68
CA PRO A 359 2.77 -12.79 20.30
C PRO A 359 3.99 -13.64 20.63
N GLY A 360 4.91 -13.82 19.69
CA GLY A 360 6.05 -14.68 19.93
C GLY A 360 7.23 -13.99 20.58
N VAL A 361 7.00 -12.83 21.19
CA VAL A 361 8.06 -12.02 21.78
C VAL A 361 8.18 -12.37 23.27
N SER A 362 9.42 -12.46 23.75
CA SER A 362 9.72 -12.85 25.12
C SER A 362 9.08 -11.92 26.14
N GLU A 363 8.99 -12.40 27.38
CA GLU A 363 8.48 -11.57 28.47
C GLU A 363 9.32 -10.31 28.65
N PHE A 364 10.63 -10.42 28.41
CA PHE A 364 11.52 -9.28 28.56
C PHE A 364 11.34 -8.27 27.44
N GLY A 365 11.20 -8.75 26.21
CA GLY A 365 10.85 -7.87 25.10
C GLY A 365 9.63 -7.03 25.39
N LYS A 366 8.55 -7.66 25.88
CA LYS A 366 7.33 -6.93 26.15
C LYS A 366 7.51 -5.93 27.27
N GLU A 367 8.31 -6.28 28.28
CA GLU A 367 8.56 -5.31 29.35
C GLU A 367 9.33 -4.11 28.83
N SER A 368 10.27 -4.34 27.91
CA SER A 368 11.05 -3.21 27.37
C SER A 368 10.16 -2.24 26.59
N ILE A 369 9.18 -2.75 25.85
CA ILE A 369 8.21 -1.87 25.20
C ILE A 369 7.46 -1.06 26.25
N LEU A 370 6.96 -1.74 27.30
CA LEU A 370 6.24 -1.02 28.33
C LEU A 370 7.11 0.05 28.96
N PHE A 371 8.35 -0.30 29.29
CA PHE A 371 9.25 0.65 29.94
C PHE A 371 9.46 1.89 29.07
N HIS A 372 9.71 1.69 27.77
CA HIS A 372 9.99 2.80 26.87
CA HIS A 372 10.00 2.84 26.93
C HIS A 372 8.77 3.68 26.60
N TYR A 373 7.55 3.12 26.68
CA TYR A 373 6.37 3.92 26.36
C TYR A 373 5.53 4.32 27.55
N THR A 374 5.93 3.99 28.78
CA THR A 374 5.18 4.40 29.97
C THR A 374 5.98 5.38 30.83
N ASP A 375 6.64 6.34 30.18
CA ASP A 375 7.29 7.45 30.86
C ASP A 375 6.50 8.72 30.60
N TRP A 376 5.41 8.88 31.35
CA TRP A 376 4.46 9.94 31.05
C TRP A 376 4.94 11.29 31.57
N VAL A 377 4.64 12.33 30.78
CA VAL A 377 4.77 13.70 31.28
C VAL A 377 3.79 13.94 32.44
N ASP A 378 2.56 13.44 32.32
CA ASP A 378 1.65 13.43 33.47
C ASP A 378 1.11 12.02 33.64
N ASP A 379 1.20 11.49 34.87
CA ASP A 379 0.82 10.13 35.20
C ASP A 379 -0.64 10.00 35.59
N GLN A 380 -1.35 11.12 35.66
CA GLN A 380 -2.76 11.15 36.03
C GLN A 380 -3.71 11.20 34.82
N ARG A 381 -3.17 11.22 33.59
CA ARG A 381 -3.99 11.26 32.38
C ARG A 381 -4.61 9.88 32.12
N PRO A 382 -5.94 9.76 32.09
CA PRO A 382 -6.56 8.42 31.95
C PRO A 382 -6.35 7.75 30.60
N GLU A 383 -6.11 8.50 29.54
CA GLU A 383 -5.88 7.89 28.23
C GLU A 383 -4.42 7.55 28.00
N ASN A 384 -3.58 7.64 29.03
CA ASN A 384 -2.14 7.39 28.87
C ASN A 384 -1.89 6.05 28.22
N TYR A 385 -2.51 5.00 28.73
CA TYR A 385 -2.24 3.68 28.18
C TYR A 385 -2.89 3.49 26.82
N ARG A 386 -4.03 4.15 26.56
CA ARG A 386 -4.69 4.00 25.27
C ARG A 386 -3.83 4.59 24.16
N GLU A 387 -3.29 5.78 24.39
CA GLU A 387 -2.45 6.44 23.41
C GLU A 387 -1.12 5.72 23.23
N ALA A 388 -0.56 5.19 24.32
CA ALA A 388 0.74 4.52 24.23
C ALA A 388 0.65 3.26 23.38
N LEU A 389 -0.42 2.47 23.54
CA LEU A 389 -0.55 1.26 22.74
C LEU A 389 -0.69 1.59 21.26
N GLY A 390 -1.38 2.69 20.93
CA GLY A 390 -1.45 3.12 19.54
C GLY A 390 -0.10 3.52 18.98
N ASP A 391 0.65 4.31 19.75
CA ASP A 391 1.99 4.73 19.33
C ASP A 391 2.91 3.54 19.13
N VAL A 392 2.82 2.55 20.02
CA VAL A 392 3.64 1.35 19.90
C VAL A 392 3.39 0.68 18.54
N VAL A 393 2.12 0.41 18.24
CA VAL A 393 1.76 -0.30 17.01
C VAL A 393 2.15 0.52 15.79
N GLY A 394 1.88 1.82 15.81
CA GLY A 394 2.19 2.67 14.66
C GLY A 394 3.67 2.93 14.48
N ASP A 395 4.39 3.19 15.59
CA ASP A 395 5.84 3.39 15.48
C ASP A 395 6.54 2.10 15.04
N TYR A 396 6.15 0.97 15.61
CA TYR A 396 6.78 -0.30 15.28
C TYR A 396 6.43 -0.72 13.86
N ASN A 397 5.18 -0.65 13.49
CA ASN A 397 4.80 -1.23 12.21
C ASN A 397 4.93 -0.29 11.02
N PHE A 398 5.02 1.03 11.23
CA PHE A 398 4.97 1.95 10.11
C PHE A 398 5.96 3.11 10.18
N ILE A 399 5.91 3.91 11.24
CA ILE A 399 6.63 5.18 11.22
C ILE A 399 8.15 4.95 11.25
N CYS A 400 8.64 4.16 12.22
CA CYS A 400 10.07 3.90 12.27
C CYS A 400 10.60 3.15 11.06
N PRO A 401 9.91 2.15 10.49
CA PRO A 401 10.45 1.53 9.26
C PRO A 401 10.52 2.51 8.09
N ALA A 402 9.51 3.40 7.95
CA ALA A 402 9.53 4.38 6.88
C ALA A 402 10.67 5.36 7.03
N LEU A 403 10.91 5.85 8.26
CA LEU A 403 12.02 6.75 8.47
C LEU A 403 13.34 6.05 8.22
N GLU A 404 13.49 4.80 8.68
CA GLU A 404 14.73 4.07 8.43
CA GLU A 404 14.70 4.00 8.44
C GLU A 404 14.94 3.82 6.95
N PHE A 405 13.87 3.43 6.23
CA PHE A 405 13.97 3.30 4.78
C PHE A 405 14.44 4.61 4.14
N THR A 406 13.86 5.74 4.57
CA THR A 406 14.22 7.01 3.96
C THR A 406 15.68 7.36 4.23
N LYS A 407 16.14 7.19 5.48
CA LYS A 407 17.54 7.42 5.83
C LYS A 407 18.49 6.60 4.96
N LYS A 408 18.29 5.28 4.94
CA LYS A 408 19.21 4.42 4.20
C LYS A 408 19.16 4.71 2.72
N PHE A 409 17.99 5.04 2.19
CA PHE A 409 17.91 5.25 0.76
C PHE A 409 18.59 6.56 0.37
N SER A 410 18.36 7.62 1.13
CA SER A 410 18.98 8.90 0.87
C SER A 410 20.48 8.84 1.06
N GLU A 411 20.99 7.90 1.85
CA GLU A 411 22.43 7.86 2.08
C GLU A 411 23.22 7.55 0.82
N TRP A 412 22.56 7.08 -0.24
CA TRP A 412 23.23 6.73 -1.48
C TRP A 412 23.08 7.82 -2.52
N GLY A 413 22.77 9.04 -2.09
CA GLY A 413 22.92 10.18 -2.96
C GLY A 413 21.67 10.68 -3.63
N ASN A 414 20.51 10.14 -3.32
CA ASN A 414 19.32 10.60 -4.02
C ASN A 414 18.49 11.53 -3.13
N ASN A 415 17.78 12.46 -3.77
CA ASN A 415 16.88 13.36 -3.06
C ASN A 415 15.66 12.59 -2.53
N ALA A 416 15.39 12.80 -1.25
CA ALA A 416 14.24 12.20 -0.58
C ALA A 416 13.44 13.30 0.09
N PHE A 417 12.13 13.16 0.09
CA PHE A 417 11.23 14.10 0.76
C PHE A 417 10.33 13.31 1.69
N PHE A 418 10.19 13.77 2.93
CA PHE A 418 9.42 13.05 3.93
C PHE A 418 8.33 13.96 4.50
N TYR A 419 7.09 13.43 4.59
CA TYR A 419 5.96 14.19 5.10
C TYR A 419 5.38 13.50 6.33
N TYR A 420 4.72 14.31 7.16
CA TYR A 420 4.03 13.80 8.34
C TYR A 420 2.62 14.37 8.28
N PHE A 421 1.65 13.51 7.93
CA PHE A 421 0.28 13.93 7.69
C PHE A 421 -0.53 13.91 8.98
N GLU A 422 -1.04 15.07 9.39
CA GLU A 422 -1.65 15.17 10.71
C GLU A 422 -3.03 15.80 10.65
N HIS A 423 -3.72 15.71 9.51
CA HIS A 423 -5.09 16.20 9.45
C HIS A 423 -6.09 15.06 9.58
N ARG A 424 -7.00 15.18 10.53
CA ARG A 424 -8.09 14.23 10.67
C ARG A 424 -9.26 14.66 9.80
N SER A 425 -9.63 13.81 8.85
CA SER A 425 -10.71 14.14 7.91
C SER A 425 -12.00 14.49 8.67
N SER A 426 -12.68 15.56 8.22
CA SER A 426 -13.96 15.90 8.83
C SER A 426 -15.03 14.84 8.55
N LYS A 427 -14.87 14.05 7.50
CA LYS A 427 -15.80 12.99 7.20
C LYS A 427 -15.37 11.62 7.77
N LEU A 428 -14.40 11.58 8.68
CA LEU A 428 -13.86 10.29 9.10
C LEU A 428 -14.88 9.54 9.96
N PRO A 429 -15.30 8.33 9.57
CA PRO A 429 -16.38 7.64 10.31
C PRO A 429 -15.94 7.07 11.66
N TRP A 430 -14.64 6.84 11.86
CA TRP A 430 -14.14 6.31 13.10
C TRP A 430 -14.11 7.40 14.17
N PRO A 431 -14.06 7.04 15.45
CA PRO A 431 -14.17 8.06 16.51
C PRO A 431 -12.92 8.93 16.60
N GLU A 432 -13.07 10.08 17.27
CA GLU A 432 -12.03 11.10 17.35
C GLU A 432 -10.79 10.61 18.09
N TRP A 433 -10.91 9.68 19.05
CA TRP A 433 -9.73 9.23 19.77
C TRP A 433 -8.76 8.48 18.85
N MET A 434 -9.23 7.94 17.74
CA MET A 434 -8.32 7.27 16.80
C MET A 434 -7.54 8.24 15.90
N GLY A 435 -7.89 9.52 15.91
CA GLY A 435 -7.03 10.53 15.31
C GLY A 435 -6.87 10.38 13.81
N VAL A 436 -5.63 10.54 13.34
CA VAL A 436 -5.28 10.65 11.92
C VAL A 436 -4.87 9.24 11.49
N MET A 437 -5.85 8.46 11.07
CA MET A 437 -5.73 7.01 10.99
C MET A 437 -4.95 6.54 9.78
N HIS A 438 -4.50 5.27 9.88
CA HIS A 438 -3.91 4.58 8.75
C HIS A 438 -4.89 4.53 7.59
N GLY A 439 -4.48 5.05 6.43
CA GLY A 439 -5.25 5.05 5.19
C GLY A 439 -6.03 6.32 4.91
N TYR A 440 -6.06 7.28 5.83
CA TYR A 440 -7.00 8.39 5.69
C TYR A 440 -6.33 9.67 5.21
N GLU A 441 -5.17 9.52 4.60
CA GLU A 441 -4.59 10.54 3.73
C GLU A 441 -4.94 10.29 2.27
N ILE A 442 -5.41 9.08 1.96
CA ILE A 442 -5.57 8.67 0.57
C ILE A 442 -6.55 9.58 -0.15
N GLU A 443 -7.70 9.87 0.49
CA GLU A 443 -8.70 10.69 -0.20
C GLU A 443 -8.15 12.09 -0.49
N PHE A 444 -7.20 12.56 0.31
CA PHE A 444 -6.61 13.87 0.05
C PHE A 444 -5.63 13.81 -1.11
N VAL A 445 -4.89 12.70 -1.21
CA VAL A 445 -3.97 12.52 -2.34
C VAL A 445 -4.74 12.45 -3.66
N PHE A 446 -5.89 11.78 -3.65
CA PHE A 446 -6.67 11.59 -4.87
C PHE A 446 -7.61 12.75 -5.18
N GLY A 447 -7.72 13.73 -4.29
CA GLY A 447 -8.43 14.96 -4.59
C GLY A 447 -9.91 14.93 -4.33
N LEU A 448 -10.40 13.99 -3.53
CA LEU A 448 -11.83 13.93 -3.25
C LEU A 448 -12.37 15.21 -2.63
N PRO A 449 -11.66 15.91 -1.73
CA PRO A 449 -12.20 17.18 -1.21
C PRO A 449 -12.21 18.29 -2.23
N LEU A 450 -11.63 18.10 -3.41
CA LEU A 450 -11.80 19.08 -4.46
C LEU A 450 -13.25 19.13 -4.95
N GLU A 451 -14.03 18.09 -4.66
CA GLU A 451 -15.45 18.05 -5.02
C GLU A 451 -16.26 18.76 -3.94
N ARG A 452 -16.76 19.95 -4.28
CA ARG A 452 -17.48 20.78 -3.33
C ARG A 452 -18.76 20.14 -2.83
N ARG A 453 -19.35 19.23 -3.60
CA ARG A 453 -20.61 18.60 -3.21
C ARG A 453 -20.44 17.61 -2.05
N ASP A 454 -19.21 17.26 -1.66
CA ASP A 454 -18.96 16.09 -0.84
C ASP A 454 -18.85 16.41 0.66
N GLN A 455 -19.19 17.62 1.09
CA GLN A 455 -19.23 18.01 2.51
C GLN A 455 -17.86 18.00 3.20
N TYR A 456 -16.76 18.06 2.44
CA TYR A 456 -15.48 18.39 3.07
C TYR A 456 -15.42 19.89 3.32
N THR A 457 -14.74 20.29 4.39
CA THR A 457 -14.60 21.71 4.67
C THR A 457 -13.76 22.40 3.61
N LYS A 458 -13.81 23.74 3.60
CA LYS A 458 -13.02 24.50 2.65
C LYS A 458 -11.52 24.36 2.92
N ALA A 459 -11.13 24.33 4.20
CA ALA A 459 -9.73 24.13 4.53
C ALA A 459 -9.24 22.78 4.01
N GLU A 460 -10.13 21.78 3.97
CA GLU A 460 -9.75 20.48 3.42
C GLU A 460 -9.60 20.54 1.91
N GLU A 461 -10.47 21.29 1.22
CA GLU A 461 -10.27 21.52 -0.20
C GLU A 461 -8.88 22.08 -0.48
N ILE A 462 -8.49 23.12 0.26
CA ILE A 462 -7.20 23.77 0.02
C ILE A 462 -6.04 22.80 0.30
N LEU A 463 -6.16 22.01 1.38
CA LEU A 463 -5.09 21.05 1.71
C LEU A 463 -4.94 19.98 0.65
N SER A 464 -6.06 19.42 0.20
CA SER A 464 -6.01 18.47 -0.91
C SER A 464 -5.43 19.12 -2.17
N ARG A 465 -5.90 20.33 -2.49
CA ARG A 465 -5.41 21.02 -3.67
C ARG A 465 -3.89 21.14 -3.65
N SER A 466 -3.33 21.50 -2.50
N SER A 466 -3.32 21.49 -2.49
CA SER A 466 -1.88 21.65 -2.42
CA SER A 466 -1.87 21.65 -2.42
C SER A 466 -1.19 20.30 -2.50
C SER A 466 -1.16 20.30 -2.45
N ILE A 467 -1.69 19.30 -1.75
CA ILE A 467 -1.14 17.95 -1.79
C ILE A 467 -1.12 17.43 -3.22
N VAL A 468 -2.23 17.59 -3.93
CA VAL A 468 -2.33 17.12 -5.31
C VAL A 468 -1.30 17.82 -6.20
N LYS A 469 -1.10 19.12 -6.01
CA LYS A 469 -0.05 19.82 -6.76
C LYS A 469 1.34 19.27 -6.45
N ARG A 470 1.61 19.01 -5.16
CA ARG A 470 2.95 18.52 -4.80
C ARG A 470 3.19 17.11 -5.33
N TRP A 471 2.19 16.23 -5.24
CA TRP A 471 2.35 14.88 -5.78
C TRP A 471 2.62 14.92 -7.28
N ALA A 472 1.92 15.79 -7.99
CA ALA A 472 2.08 15.88 -9.45
C ALA A 472 3.42 16.51 -9.81
N ASN A 473 3.81 17.55 -9.09
CA ASN A 473 5.13 18.14 -9.34
C ASN A 473 6.22 17.11 -9.06
N PHE A 474 6.06 16.30 -8.01
CA PHE A 474 7.05 15.25 -7.78
C PHE A 474 7.11 14.27 -8.94
N ALA A 475 5.95 13.76 -9.37
CA ALA A 475 5.95 12.84 -10.51
C ALA A 475 6.50 13.54 -11.75
N LYS A 476 6.10 14.79 -11.99
CA LYS A 476 6.54 15.45 -13.23
C LYS A 476 8.01 15.84 -13.17
N TYR A 477 8.46 16.42 -12.05
CA TYR A 477 9.74 17.12 -12.06
C TYR A 477 10.66 16.68 -10.93
N GLY A 478 10.32 15.64 -10.19
CA GLY A 478 11.17 15.15 -9.13
C GLY A 478 11.22 16.02 -7.89
N ASN A 479 10.28 16.94 -7.72
CA ASN A 479 10.43 17.96 -6.70
C ASN A 479 9.05 18.39 -6.23
N PRO A 480 8.63 18.02 -4.98
CA PRO A 480 7.22 18.14 -4.55
C PRO A 480 6.88 19.52 -4.01
N GLN A 481 7.24 20.55 -4.75
CA GLN A 481 6.95 21.93 -4.35
C GLN A 481 5.58 22.36 -4.83
N GLU A 482 5.01 23.32 -4.13
CA GLU A 482 3.92 24.16 -4.62
C GLU A 482 4.56 25.54 -4.78
N THR A 483 4.90 25.90 -6.02
CA THR A 483 5.73 27.06 -6.27
C THR A 483 4.96 28.37 -6.39
N GLN A 484 3.67 28.31 -6.64
CA GLN A 484 2.92 29.52 -7.06
C GLN A 484 2.38 30.30 -5.87
N ASN A 485 1.37 29.76 -5.21
CA ASN A 485 0.92 30.34 -3.96
C ASN A 485 2.07 30.28 -2.97
N GLN A 486 2.06 31.17 -1.98
CA GLN A 486 3.24 31.36 -1.14
C GLN A 486 3.31 30.24 -0.10
N SER A 487 3.85 29.10 -0.53
CA SER A 487 3.83 27.87 0.24
C SER A 487 5.17 27.64 0.93
N THR A 488 5.10 27.00 2.09
CA THR A 488 6.29 26.47 2.74
C THR A 488 7.04 25.55 1.78
N SER A 489 8.33 25.79 1.64
CA SER A 489 9.16 24.98 0.76
C SER A 489 9.49 23.65 1.44
N TRP A 490 9.45 22.57 0.66
CA TRP A 490 9.67 21.24 1.20
C TRP A 490 11.13 20.85 1.03
N PRO A 491 11.93 20.79 2.10
CA PRO A 491 13.36 20.48 1.94
C PRO A 491 13.60 19.01 1.69
N VAL A 492 14.77 18.71 1.11
CA VAL A 492 15.10 17.31 0.95
C VAL A 492 15.45 16.73 2.31
N PHE A 493 15.12 15.44 2.48
CA PHE A 493 15.48 14.68 3.68
C PHE A 493 16.91 14.18 3.57
N LYS A 494 17.73 14.53 4.55
CA LYS A 494 19.13 14.13 4.59
C LYS A 494 19.38 13.43 5.91
N SER A 495 20.36 12.52 5.90
CA SER A 495 20.59 11.65 7.06
C SER A 495 21.04 12.43 8.28
N THR A 496 21.73 13.54 8.08
CA THR A 496 22.11 14.41 9.19
C THR A 496 20.92 15.17 9.76
N GLU A 497 20.33 16.08 8.96
CA GLU A 497 19.32 17.01 9.47
CA GLU A 497 19.32 16.98 9.51
C GLU A 497 17.94 16.33 9.64
N GLN A 498 17.59 15.41 8.75
CA GLN A 498 16.32 14.68 8.83
C GLN A 498 15.11 15.63 8.94
N LYS A 499 15.10 16.64 8.08
CA LYS A 499 13.96 17.54 8.00
C LYS A 499 12.81 16.87 7.29
N TYR A 500 11.58 17.18 7.73
CA TYR A 500 10.36 16.70 7.10
C TYR A 500 9.31 17.80 7.11
N LEU A 501 8.29 17.62 6.27
CA LEU A 501 7.21 18.58 6.12
C LEU A 501 5.94 18.04 6.77
N THR A 502 5.28 18.86 7.59
CA THR A 502 4.01 18.47 8.15
C THR A 502 2.88 18.96 7.25
N LEU A 503 1.85 18.12 7.11
CA LEU A 503 0.72 18.40 6.23
C LEU A 503 -0.52 18.52 7.10
N ASN A 504 -1.12 19.71 7.12
CA ASN A 504 -2.32 19.96 7.91
C ASN A 504 -3.02 21.19 7.36
N THR A 505 -4.24 21.44 7.85
CA THR A 505 -5.05 22.54 7.33
C THR A 505 -4.53 23.90 7.80
N GLU A 506 -3.97 23.96 9.02
CA GLU A 506 -3.43 25.18 9.59
C GLU A 506 -2.01 25.48 9.09
N SER A 507 -1.04 25.35 9.99
CA SER A 507 0.35 25.74 9.71
C SER A 507 1.12 24.56 9.17
N THR A 508 1.51 24.62 7.90
CA THR A 508 2.44 23.65 7.35
C THR A 508 3.86 24.01 7.77
N ARG A 509 4.53 23.09 8.46
CA ARG A 509 5.81 23.39 9.09
C ARG A 509 6.90 22.43 8.68
N ILE A 510 8.12 22.91 8.79
CA ILE A 510 9.32 22.10 8.67
C ILE A 510 9.79 21.71 10.07
N MET A 511 9.94 20.41 10.29
CA MET A 511 10.35 19.79 11.55
C MET A 511 11.54 18.88 11.29
N THR A 512 12.18 18.42 12.37
CA THR A 512 13.39 17.59 12.28
C THR A 512 13.25 16.35 13.15
N LYS A 513 13.76 15.22 12.64
CA LYS A 513 13.99 13.98 13.40
C LYS A 513 12.72 13.46 14.08
N LEU A 514 11.72 13.18 13.24
CA LEU A 514 10.45 12.63 13.72
C LEU A 514 10.65 11.37 14.56
N ARG A 515 9.99 11.33 15.72
CA ARG A 515 9.97 10.17 16.62
C ARG A 515 11.37 9.65 16.91
N ALA A 516 12.32 10.57 17.11
CA ALA A 516 13.71 10.16 17.28
C ALA A 516 13.89 9.20 18.46
N GLN A 517 13.40 9.57 19.66
CA GLN A 517 13.51 8.70 20.82
C GLN A 517 12.82 7.36 20.60
N GLN A 518 11.61 7.38 20.03
CA GLN A 518 10.85 6.16 19.83
C GLN A 518 11.53 5.24 18.82
N CYS A 519 12.13 5.81 17.78
CA CYS A 519 12.64 4.95 16.72
C CYS A 519 14.00 4.35 17.04
N ARG A 520 14.80 5.00 17.89
CA ARG A 520 16.03 4.33 18.32
C ARG A 520 15.73 3.07 19.11
N PHE A 521 14.63 3.06 19.87
CA PHE A 521 14.19 1.83 20.52
C PHE A 521 13.88 0.76 19.48
N TRP A 522 12.99 1.07 18.53
CA TRP A 522 12.55 0.03 17.60
C TRP A 522 13.63 -0.36 16.62
N THR A 523 14.33 0.62 16.05
CA THR A 523 15.26 0.29 14.98
C THR A 523 16.59 -0.25 15.50
N SER A 524 17.03 0.18 16.68
CA SER A 524 18.34 -0.23 17.17
C SER A 524 18.26 -1.35 18.21
N PHE A 525 17.45 -1.17 19.26
CA PHE A 525 17.41 -2.14 20.35
C PHE A 525 16.49 -3.33 20.09
N PHE A 526 15.24 -3.09 19.71
CA PHE A 526 14.26 -4.17 19.64
C PHE A 526 14.59 -5.31 18.68
N PRO A 527 15.27 -5.10 17.53
CA PRO A 527 15.63 -6.24 16.67
C PRO A 527 16.44 -7.32 17.39
N LYS A 528 17.00 -7.04 18.56
CA LYS A 528 17.84 -8.01 19.25
C LYS A 528 17.02 -9.03 20.03
N VAL A 529 15.88 -8.62 20.60
CA VAL A 529 15.06 -9.49 21.44
C VAL A 529 14.42 -10.65 20.64
C1 NAG B . -19.40 -2.82 -26.74
C2 NAG B . -20.33 -4.00 -27.11
C3 NAG B . -21.08 -3.72 -28.42
C4 NAG B . -21.80 -2.38 -28.35
C5 NAG B . -20.79 -1.28 -28.02
C6 NAG B . -21.41 0.09 -27.91
C7 NAG B . -19.67 -6.23 -26.33
C8 NAG B . -18.82 -7.44 -26.59
N2 NAG B . -19.57 -5.23 -27.22
O3 NAG B . -22.02 -4.76 -28.67
O4 NAG B . -22.45 -2.08 -29.59
O5 NAG B . -20.17 -1.56 -26.75
O6 NAG B . -22.56 0.12 -27.06
O7 NAG B . -20.42 -6.15 -25.35
C1 FUC B . -22.83 1.51 -26.79
C2 FUC B . -23.53 1.63 -25.38
C3 FUC B . -22.84 2.68 -24.49
C4 FUC B . -22.58 3.98 -25.31
C5 FUC B . -21.53 3.67 -26.39
C6 FUC B . -21.56 4.61 -27.60
O2 FUC B . -23.67 0.37 -24.71
O3 FUC B . -23.65 3.00 -23.35
O4 FUC B . -23.77 4.48 -25.92
O5 FUC B . -21.60 2.27 -26.90
C1 NAG C . 8.03 12.65 -24.65
C2 NAG C . 8.56 12.58 -26.08
C3 NAG C . 9.88 11.80 -26.11
C4 NAG C . 10.88 12.34 -25.10
C5 NAG C . 10.24 12.47 -23.71
C6 NAG C . 11.12 13.16 -22.68
C7 NAG C . 6.55 12.64 -27.52
C8 NAG C . 5.68 11.83 -28.43
N2 NAG C . 7.59 11.98 -26.99
O3 NAG C . 10.41 11.82 -27.43
O4 NAG C . 11.96 11.42 -24.97
O5 NAG C . 9.02 13.24 -23.79
O6 NAG C . 10.65 12.94 -21.35
O7 NAG C . 6.33 13.81 -27.27
C1 NAG C . 13.01 11.63 -25.94
C2 NAG C . 14.31 11.02 -25.40
C3 NAG C . 15.44 11.24 -26.41
C4 NAG C . 15.05 10.67 -27.77
C5 NAG C . 13.71 11.26 -28.22
C6 NAG C . 13.19 10.63 -29.51
C7 NAG C . 14.80 12.84 -23.77
C8 NAG C . 15.16 13.13 -22.34
N2 NAG C . 14.67 11.54 -24.08
O3 NAG C . 16.64 10.61 -25.94
O4 NAG C . 16.05 10.94 -28.74
O5 NAG C . 12.70 11.05 -27.23
O6 NAG C . 13.11 11.59 -30.56
O7 NAG C . 14.63 13.74 -24.60
C1 FUC C . 11.38 13.69 -20.31
C2 FUC C . 10.54 13.93 -18.92
C3 FUC C . 10.63 12.70 -17.92
C4 FUC C . 12.10 12.24 -17.74
C5 FUC C . 12.77 11.95 -19.14
C6 FUC C . 14.24 11.48 -19.06
O2 FUC C . 9.17 14.40 -19.07
O3 FUC C . 10.02 12.99 -16.59
O4 FUC C . 12.86 13.20 -16.99
O5 FUC C . 12.70 13.12 -20.04
C1 NAG D . 4.47 -24.63 12.06
C2 NAG D . 4.37 -23.73 13.30
C3 NAG D . 4.14 -24.58 14.56
C4 NAG D . 2.92 -25.47 14.38
C5 NAG D . 3.05 -26.30 13.10
C6 NAG D . 1.78 -27.08 12.80
C7 NAG D . 6.78 -23.32 13.74
C8 NAG D . 7.83 -22.26 13.89
N2 NAG D . 5.54 -22.88 13.47
O3 NAG D . 3.95 -23.72 15.68
O4 NAG D . 2.84 -26.37 15.48
O5 NAG D . 3.29 -25.46 11.96
O6 NAG D . 1.05 -26.50 11.73
O7 NAG D . 7.05 -24.52 13.84
C1 NAG D . 1.67 -26.18 16.30
C2 NAG D . 1.38 -27.52 17.00
C3 NAG D . 0.17 -27.36 17.93
C4 NAG D . 0.43 -26.25 18.93
C5 NAG D . 0.73 -24.95 18.19
C6 NAG D . 1.13 -23.82 19.12
C7 NAG D . 2.16 -29.30 15.49
C8 NAG D . 1.76 -30.35 14.50
N2 NAG D . 1.16 -28.58 16.02
O3 NAG D . -0.08 -28.58 18.62
O4 NAG D . -0.67 -26.09 19.81
O5 NAG D . 1.84 -25.15 17.29
O6 NAG D . 2.37 -23.25 18.74
O7 NAG D . 3.33 -29.10 15.78
C1 FUC D . -0.31 -26.05 12.05
C2 FUC D . -1.28 -27.19 11.70
C3 FUC D . -2.68 -26.60 11.60
C4 FUC D . -3.10 -25.73 12.86
C5 FUC D . -1.92 -25.14 13.71
C6 FUC D . -1.89 -23.63 13.59
O2 FUC D . -1.20 -28.31 12.61
O3 FUC D . -2.77 -25.79 10.43
O4 FUC D . -3.96 -24.64 12.47
O5 FUC D . -0.55 -25.66 13.41
C1 NAG E . -15.50 0.13 25.83
C2 NAG E . -15.48 -0.11 27.36
C3 NAG E . -14.86 -1.46 27.70
C4 NAG E . -15.48 -2.58 26.87
C5 NAG E . -15.39 -2.22 25.39
C6 NAG E . -16.02 -3.23 24.48
C7 NAG E . -15.24 2.18 28.23
C8 NAG E . -14.35 3.14 28.97
N2 NAG E . -14.76 0.95 28.05
O3 NAG E . -15.05 -1.73 29.08
O4 NAG E . -14.77 -3.79 27.14
O5 NAG E . -16.09 -0.98 25.19
O6 NAG E . -17.22 -3.75 25.04
O7 NAG E . -16.35 2.52 27.84
C1 NAG E . -15.57 -4.84 27.73
C2 NAG E . -14.77 -6.13 27.57
C3 NAG E . -15.45 -7.31 28.25
C4 NAG E . -15.87 -6.97 29.67
C5 NAG E . -16.67 -5.68 29.68
C6 NAG E . -17.07 -5.24 31.08
C7 NAG E . -13.42 -6.11 25.53
C8 NAG E . -13.36 -6.47 24.07
N2 NAG E . -14.55 -6.41 26.16
O3 NAG E . -14.53 -8.41 28.26
O4 NAG E . -16.65 -8.04 30.23
O5 NAG E . -15.87 -4.63 29.12
O6 NAG E . -15.96 -4.68 31.76
O7 NAG E . -12.48 -5.58 26.11
C1 FUC E . -18.22 -3.89 24.01
C2 FUC E . -19.43 -4.63 24.63
C3 FUC E . -20.29 -3.72 25.55
C4 FUC E . -20.54 -2.28 24.96
C5 FUC E . -19.23 -1.69 24.39
C6 FUC E . -19.39 -0.36 23.62
O2 FUC E . -19.02 -5.82 25.31
O3 FUC E . -21.56 -4.32 25.73
O4 FUC E . -21.54 -2.30 23.94
O5 FUC E . -18.61 -2.62 23.49
C1 NAG F . 6.80 -34.93 -9.02
C2 NAG F . 8.12 -35.51 -9.53
C3 NAG F . 8.54 -34.83 -10.83
C4 NAG F . 7.42 -34.90 -11.87
C5 NAG F . 6.14 -34.30 -11.28
C6 NAG F . 4.96 -34.37 -12.23
C7 NAG F . 9.36 -36.29 -7.54
C8 NAG F . 10.50 -35.99 -6.60
N2 NAG F . 9.16 -35.40 -8.52
O3 NAG F . 9.73 -35.41 -11.35
O4 NAG F . 7.79 -34.19 -13.05
O5 NAG F . 5.78 -34.99 -10.08
O6 NAG F . 4.38 -35.67 -12.31
O7 NAG F . 8.66 -37.30 -7.42
C1 NAG G . -3.60 29.05 -5.35
C2 NAG G . -4.31 27.70 -5.62
C3 NAG G . -5.48 27.89 -6.58
C4 NAG G . -6.42 28.99 -6.10
C5 NAG G . -5.63 30.29 -5.91
C6 NAG G . -6.47 31.42 -5.37
C7 NAG G . -2.92 25.65 -5.44
C8 NAG G . -1.98 24.74 -6.17
N2 NAG G . -3.37 26.72 -6.14
O3 NAG G . -6.21 26.67 -6.70
O4 NAG G . -7.48 29.20 -7.03
O5 NAG G . -4.59 30.05 -4.96
O6 NAG G . -5.82 32.68 -5.49
O7 NAG G . -3.27 25.44 -4.28
C1 GOL H . -14.54 6.22 -12.32
O1 GOL H . -13.66 7.32 -12.31
C2 GOL H . -16.00 6.70 -11.86
O2 GOL H . -16.28 8.05 -12.14
C3 GOL H . -17.02 5.70 -12.52
O3 GOL H . -17.21 4.63 -11.60
C1 GOL I . -14.26 9.47 4.40
O1 GOL I . -13.17 8.63 4.74
C2 GOL I . -15.31 8.64 3.54
O2 GOL I . -16.62 9.12 3.76
C3 GOL I . -14.85 8.78 2.02
O3 GOL I . -15.35 7.66 1.31
C1 GOL J . 4.43 -11.40 7.89
O1 GOL J . 4.35 -12.13 6.68
C2 GOL J . 4.23 -12.40 9.11
O2 GOL J . 5.26 -12.30 10.05
C3 GOL J . 2.81 -12.08 9.74
O3 GOL J . 2.65 -10.67 9.70
C1 SIA K . -21.65 9.96 16.53
C2 SIA K . -22.09 8.57 17.17
C3 SIA K . -23.36 7.97 16.55
C4 SIA K . -23.71 6.53 16.97
C5 SIA K . -22.46 5.67 17.22
C6 SIA K . -21.23 6.29 16.50
C7 SIA K . -19.95 5.40 16.59
C8 SIA K . -18.82 5.73 15.53
C9 SIA K . -18.25 7.14 15.69
C10 SIA K . -22.89 3.19 17.61
C11 SIA K . -22.91 3.46 19.12
N5 SIA K . -22.68 4.28 16.79
O1A SIA K . -22.05 10.02 15.33
O1B SIA K . -20.99 10.80 17.22
O2 SIA K . -22.30 8.82 18.52
O4 SIA K . -24.50 6.49 18.19
O6 SIA K . -20.97 7.59 17.05
O7 SIA K . -19.47 5.33 17.94
O8 SIA K . -17.78 4.74 15.48
O9 SIA K . -18.94 8.00 14.78
O10 SIA K . -23.07 2.05 17.18
C10 RNZ L . -4.85 -8.25 5.98
C17 RNZ L . -5.93 -0.29 3.86
C20 RNZ L . -4.54 -0.44 4.45
C21 RNZ L . -4.67 -3.12 7.62
C22 RNZ L . -3.18 -3.82 7.52
C24 RNZ L . -1.64 -5.79 7.34
C26 RNZ L . -0.70 -3.59 7.38
C28 RNZ L . -5.43 -3.40 8.97
C02 RNZ L . -5.59 -3.68 6.54
C04 RNZ L . -7.78 -4.79 5.73
C05 RNZ L . -8.17 -6.27 6.04
C06 RNZ L . -6.97 -7.13 6.48
C07 RNZ L . -6.80 -7.54 7.81
C08 RNZ L . -5.69 -8.30 8.20
C09 RNZ L . -4.70 -8.67 7.30
C11 RNZ L . -5.96 -7.49 5.58
C12 RNZ L . -9.02 -3.88 5.48
C14 RNZ L . -8.61 -2.36 5.77
C16 RNZ L . -6.71 -1.64 4.22
C18 RNZ L . -5.83 -0.14 2.33
C19 RNZ L . -6.56 0.94 4.45
C23 RNZ L . -2.93 -5.23 7.43
C25 RNZ L . -0.49 -4.95 7.31
C27 RNZ L . -1.99 -3.03 7.47
C29 RNZ L . -5.39 -4.65 9.64
C30 RNZ L . -6.10 -4.88 10.83
C31 RNZ L . -6.87 -3.85 11.38
C32 RNZ L . -6.93 -2.62 10.72
C33 RNZ L . -6.23 -2.41 9.53
N03 RNZ L . -6.93 -4.16 6.78
N15 RNZ L . -8.14 -1.55 4.52
O01 RNZ L . -5.14 -3.77 5.39
O13 RNZ L . -9.29 -4.01 4.12
O1 MES M . 9.32 12.99 18.20
C2 MES M . 8.32 12.51 19.11
C3 MES M . 6.96 12.40 18.42
N4 MES M . 6.73 13.61 17.63
C5 MES M . 7.79 14.21 16.83
C6 MES M . 9.06 14.28 17.67
C7 MES M . 5.38 13.82 17.11
C8 MES M . 4.39 13.41 18.20
S MES M . 2.78 13.70 17.77
O1S MES M . 2.05 12.40 17.73
O2S MES M . 2.69 14.41 16.46
O3S MES M . 2.14 14.55 18.80
S SO4 N . 18.93 13.45 -7.18
O1 SO4 N . 19.48 12.79 -8.38
O2 SO4 N . 18.04 12.54 -6.46
O3 SO4 N . 18.15 14.63 -7.58
O4 SO4 N . 20.07 13.86 -6.34
S SO4 O . 1.51 26.67 3.46
O1 SO4 O . 2.48 25.95 2.64
O2 SO4 O . 0.39 25.78 3.80
O3 SO4 O . 0.99 27.82 2.73
O4 SO4 O . 2.17 27.12 4.69
#